data_8OV3
#
_entry.id   8OV3
#
_cell.length_a   167.010
_cell.length_b   167.010
_cell.length_c   51.400
_cell.angle_alpha   90.000
_cell.angle_beta   90.000
_cell.angle_gamma   120.000
#
_symmetry.space_group_name_H-M   'P 31 2 1'
#
loop_
_entity.id
_entity.type
_entity.pdbx_description
1 polymer "2'-O-methyltransferase nsp16"
2 polymer 'Non-structural protein 10'
3 non-polymer 1,2-ETHANEDIOL
4 non-polymer '2-(N-MORPHOLINO)-ETHANESULFONIC ACID'
5 non-polymer (2R,3R,4S,5R)-2-(4-AMINO-5-IODO-7H-PYRROLO[2,3-D]PYRIMIDIN-7-YL)-5-(HYDROXYMETHYL)TETRAHYDROFURAN-3,4-DIOL
6 non-polymer 'ZINC ION'
7 water water
#
loop_
_entity_poly.entity_id
_entity_poly.type
_entity_poly.pdbx_seq_one_letter_code
_entity_poly.pdbx_strand_id
1 'polypeptide(L)'
;SSQAWQPGVAMPNLYKMQRMLLEKCDLQNYGDSATLPKGIMMNVAKYTQLCQYLNTLTLAVPYNMRVIHFGAGSDKGVAP
GTAVLRQWLPTGTLLVDSDLNDFVSDADSTLIGDCATVHTANKWDLIISDMYDPKTKNVTKENDSKEGFFTYICGFIQQK
LALGGSVAIKITEHSWNADLYKLMGHFAWWTAFVTNVNASSSEAFLIGCNYLGKPREQIDGYVMHANYIFWRNTNPIQLS
SYSLFDMSKFPLKLRGTAVMSLKEGQINDMILSLLSKGRLIIRENNRVVISSDVLVNNENLYFQ
;
A
2 'polypeptide(L)'
;GAGNATEVPANSTVLSFCAFAVDAAKAYKDYLASGGQPITNCVKMLCTHTGTGQAITVTPEANMDQESFGGASCCLYCRC
HIDHPNPKGFCDLKGKYVQIPTTCANDPVGFTLKNTVCTVCGMWKGYGCSCDQLREPMLQ
;
B
#
loop_
_chem_comp.id
_chem_comp.type
_chem_comp.name
_chem_comp.formula
5ID non-polymer (2R,3R,4S,5R)-2-(4-AMINO-5-IODO-7H-PYRROLO[2,3-D]PYRIMIDIN-7-YL)-5-(HYDROXYMETHYL)TETRAHYDROFURAN-3,4-DIOL 'C11 H13 I N4 O4'
EDO non-polymer 1,2-ETHANEDIOL 'C2 H6 O2'
MES non-polymer '2-(N-MORPHOLINO)-ETHANESULFONIC ACID' 'C6 H13 N O4 S'
ZN non-polymer 'ZINC ION' 'Zn 2'
#
# COMPACT_ATOMS: atom_id res chain seq x y z
N SER A 1 16.75 18.03 14.57
CA SER A 1 15.82 16.87 14.76
C SER A 1 16.51 15.55 14.47
N SER A 2 17.04 15.48 13.24
CA SER A 2 17.34 14.24 12.52
C SER A 2 16.02 13.60 12.06
N GLN A 3 15.12 13.37 13.04
N GLN A 3 15.11 13.37 13.02
CA GLN A 3 13.89 12.63 12.80
CA GLN A 3 13.91 12.58 12.75
C GLN A 3 13.08 13.20 11.65
C GLN A 3 13.06 13.20 11.65
N ALA A 4 13.01 14.54 11.57
CA ALA A 4 12.15 15.18 10.57
C ALA A 4 12.56 14.88 9.14
N TRP A 5 13.82 14.47 8.92
CA TRP A 5 14.31 14.13 7.60
C TRP A 5 14.21 12.65 7.32
N GLN A 6 13.73 11.88 8.28
CA GLN A 6 13.43 10.48 8.06
C GLN A 6 12.04 10.37 7.46
N PRO A 7 11.68 9.20 6.94
CA PRO A 7 10.29 8.99 6.53
C PRO A 7 9.34 8.88 7.72
N GLY A 8 9.86 8.62 8.91
CA GLY A 8 9.02 8.54 10.09
C GLY A 8 9.85 8.06 11.26
N VAL A 9 9.17 7.58 12.30
CA VAL A 9 9.84 7.20 13.54
C VAL A 9 9.40 5.79 13.93
N ALA A 10 10.36 4.94 14.23
CA ALA A 10 10.12 3.58 14.68
C ALA A 10 10.19 3.55 16.20
N MET A 11 9.35 2.75 16.81
CA MET A 11 9.30 2.64 18.28
C MET A 11 10.65 2.26 18.87
N PRO A 12 11.23 3.09 19.73
CA PRO A 12 12.54 2.75 20.31
C PRO A 12 12.47 1.49 21.15
N ASN A 13 13.54 0.68 21.05
CA ASN A 13 13.55 -0.64 21.65
C ASN A 13 13.26 -0.57 23.15
N LEU A 14 13.73 0.46 23.82
CA LEU A 14 13.54 0.53 25.27
C LEU A 14 12.07 0.63 25.64
N TYR A 15 11.25 1.30 24.81
CA TYR A 15 9.82 1.31 25.06
C TYR A 15 9.21 -0.07 24.94
N LYS A 16 9.70 -0.87 23.98
CA LYS A 16 9.18 -2.24 23.80
C LYS A 16 9.38 -3.10 25.04
N MET A 17 10.42 -2.81 25.80
CA MET A 17 10.80 -3.62 26.96
C MET A 17 10.08 -3.24 28.24
N GLN A 18 9.18 -2.28 28.20
CA GLN A 18 8.53 -1.82 29.43
C GLN A 18 7.36 -2.72 29.79
N ARG A 19 6.73 -2.42 30.92
CA ARG A 19 5.51 -3.11 31.33
C ARG A 19 4.49 -2.05 31.73
N MET A 20 4.06 -1.27 30.75
CA MET A 20 3.15 -0.18 31.04
C MET A 20 1.71 -0.65 31.11
N LEU A 21 0.89 0.18 31.74
CA LEU A 21 -0.55 0.00 31.75
C LEU A 21 -1.13 0.85 30.65
N LEU A 22 -2.23 0.37 30.08
CA LEU A 22 -2.86 1.09 28.97
C LEU A 22 -3.49 2.37 29.47
N GLU A 23 -3.11 3.49 28.84
CA GLU A 23 -3.73 4.78 29.11
C GLU A 23 -4.38 5.28 27.83
N LYS A 24 -5.17 6.32 27.99
CA LYS A 24 -5.65 7.07 26.84
C LYS A 24 -4.47 7.70 26.10
N CYS A 25 -4.60 7.81 24.79
CA CYS A 25 -3.60 8.47 23.96
C CYS A 25 -3.97 9.94 23.76
N ASP A 26 -3.09 10.84 24.21
CA ASP A 26 -3.27 12.29 24.08
C ASP A 26 -2.05 12.84 23.36
N LEU A 27 -2.17 13.12 22.07
CA LEU A 27 -1.03 13.58 21.30
C LEU A 27 -0.93 15.10 21.34
N GLN A 28 0.28 15.60 21.58
CA GLN A 28 0.48 17.04 21.69
C GLN A 28 0.09 17.76 20.39
N ASN A 29 0.53 17.24 19.24
CA ASN A 29 0.18 17.85 17.96
C ASN A 29 -1.11 17.28 17.36
N TYR A 30 -2.05 16.83 18.21
CA TYR A 30 -3.29 16.21 17.74
C TYR A 30 -3.95 16.92 16.58
N GLY A 31 -3.93 18.26 16.58
CA GLY A 31 -4.60 19.02 15.54
C GLY A 31 -3.76 19.45 14.36
N ASP A 32 -2.44 19.37 14.48
CA ASP A 32 -1.58 19.74 13.38
C ASP A 32 -1.89 18.88 12.15
N SER A 33 -1.54 19.40 10.97
CA SER A 33 -1.60 18.65 9.73
C SER A 33 -0.34 18.96 8.94
N ALA A 34 0.25 17.93 8.32
CA ALA A 34 1.46 18.15 7.53
C ALA A 34 1.09 18.84 6.22
N THR A 35 1.97 19.72 5.75
CA THR A 35 1.78 20.37 4.47
C THR A 35 2.32 19.45 3.38
N LEU A 36 1.42 18.86 2.61
CA LEU A 36 1.76 17.88 1.58
C LEU A 36 2.20 18.59 0.30
N PRO A 37 3.11 17.99 -0.47
CA PRO A 37 3.43 18.55 -1.79
C PRO A 37 2.16 18.74 -2.60
N LYS A 38 2.20 19.74 -3.48
CA LYS A 38 1.03 20.13 -4.25
C LYS A 38 0.40 18.95 -4.97
N GLY A 39 -0.91 18.75 -4.74
CA GLY A 39 -1.68 17.74 -5.45
C GLY A 39 -1.47 16.32 -4.98
N ILE A 40 -0.73 16.10 -3.90
CA ILE A 40 -0.43 14.76 -3.44
C ILE A 40 -1.43 14.39 -2.34
N MET A 41 -2.07 13.23 -2.48
CA MET A 41 -2.99 12.66 -1.50
C MET A 41 -2.27 12.23 -0.23
N MET A 42 -2.94 12.36 0.92
CA MET A 42 -2.38 11.82 2.17
C MET A 42 -2.00 10.35 2.04
N ASN A 43 -2.83 9.54 1.41
CA ASN A 43 -2.48 8.13 1.39
C ASN A 43 -1.28 7.84 0.52
N VAL A 44 -1.07 8.63 -0.53
CA VAL A 44 0.16 8.46 -1.31
C VAL A 44 1.38 8.82 -0.47
N ALA A 45 1.31 9.94 0.24
CA ALA A 45 2.43 10.36 1.07
C ALA A 45 2.71 9.35 2.16
N LYS A 46 1.64 8.83 2.78
CA LYS A 46 1.78 7.90 3.89
C LYS A 46 2.40 6.59 3.43
N TYR A 47 1.89 6.03 2.33
CA TYR A 47 2.48 4.81 1.80
C TYR A 47 3.89 5.00 1.30
N THR A 48 4.18 6.17 0.71
CA THR A 48 5.54 6.44 0.29
C THR A 48 6.48 6.41 1.49
N GLN A 49 6.08 7.00 2.60
CA GLN A 49 6.96 7.02 3.76
C GLN A 49 7.08 5.63 4.35
N LEU A 50 5.98 4.87 4.36
CA LEU A 50 6.07 3.49 4.82
C LEU A 50 7.07 2.68 3.99
N CYS A 51 7.00 2.83 2.68
CA CYS A 51 7.88 2.04 1.85
C CYS A 51 9.32 2.53 1.98
N GLN A 52 9.54 3.84 2.09
CA GLN A 52 10.88 4.36 2.39
C GLN A 52 11.46 3.74 3.65
N TYR A 53 10.62 3.54 4.67
CA TYR A 53 11.10 2.89 5.86
C TYR A 53 11.37 1.40 5.62
N LEU A 54 10.45 0.71 4.91
CA LEU A 54 10.67 -0.71 4.68
C LEU A 54 11.96 -0.94 3.90
N ASN A 55 12.35 0.01 3.06
CA ASN A 55 13.62 -0.09 2.34
C ASN A 55 14.82 -0.24 3.27
N THR A 56 14.69 0.14 4.54
CA THR A 56 15.82 0.07 5.46
C THR A 56 15.86 -1.24 6.21
N LEU A 57 14.89 -2.13 6.00
CA LEU A 57 14.83 -3.38 6.71
C LEU A 57 15.43 -4.50 5.82
N THR A 58 15.52 -5.69 6.38
CA THR A 58 16.04 -6.85 5.66
C THR A 58 14.94 -7.65 4.96
N LEU A 59 14.12 -6.98 4.16
CA LEU A 59 13.05 -7.67 3.47
C LEU A 59 13.61 -8.68 2.48
N ALA A 60 12.97 -9.85 2.43
CA ALA A 60 13.23 -10.80 1.34
C ALA A 60 12.53 -10.32 0.07
N VAL A 61 13.27 -10.34 -1.03
CA VAL A 61 12.71 -9.82 -2.30
C VAL A 61 13.06 -10.81 -3.41
N PRO A 62 12.28 -11.87 -3.54
CA PRO A 62 12.58 -12.91 -4.54
C PRO A 62 12.11 -12.50 -5.92
N TYR A 63 12.57 -13.26 -6.92
CA TYR A 63 11.86 -13.26 -8.19
C TYR A 63 10.47 -13.84 -8.00
N ASN A 64 9.52 -13.40 -8.83
CA ASN A 64 8.15 -13.89 -8.73
C ASN A 64 7.57 -13.59 -7.35
N MET A 65 7.91 -12.42 -6.83
CA MET A 65 7.41 -11.98 -5.53
C MET A 65 5.89 -11.81 -5.59
N ARG A 66 5.26 -12.08 -4.44
CA ARG A 66 3.81 -12.07 -4.28
C ARG A 66 3.47 -11.23 -3.08
N VAL A 67 2.63 -10.21 -3.29
CA VAL A 67 2.27 -9.21 -2.26
C VAL A 67 0.76 -9.07 -2.25
N ILE A 68 0.16 -9.10 -1.05
CA ILE A 68 -1.28 -8.90 -0.93
C ILE A 68 -1.52 -7.70 -0.03
N HIS A 69 -2.49 -6.84 -0.42
CA HIS A 69 -2.73 -5.52 0.18
C HIS A 69 -4.22 -5.49 0.58
N PHE A 70 -4.50 -5.54 1.88
CA PHE A 70 -5.84 -5.47 2.44
C PHE A 70 -6.22 -4.05 2.85
N GLY A 71 -7.50 -3.73 2.69
CA GLY A 71 -7.95 -2.38 3.05
C GLY A 71 -7.49 -1.34 2.04
N ALA A 72 -7.48 -1.68 0.76
CA ALA A 72 -6.83 -0.90 -0.27
C ALA A 72 -7.72 0.13 -0.93
N GLY A 73 -9.01 0.08 -0.66
CA GLY A 73 -9.92 1.03 -1.27
C GLY A 73 -9.99 2.34 -0.51
N SER A 74 -10.88 3.20 -0.97
CA SER A 74 -11.03 4.54 -0.38
C SER A 74 -12.45 4.98 -0.67
N ASP A 75 -12.91 5.96 0.11
CA ASP A 75 -14.22 6.55 -0.17
C ASP A 75 -14.28 7.22 -1.54
N LYS A 76 -13.14 7.43 -2.20
CA LYS A 76 -13.12 7.99 -3.55
C LYS A 76 -13.19 6.92 -4.63
N GLY A 77 -13.12 5.64 -4.26
CA GLY A 77 -13.22 4.60 -5.25
C GLY A 77 -11.94 4.27 -5.98
N VAL A 78 -10.79 4.71 -5.49
CA VAL A 78 -9.48 4.42 -6.09
C VAL A 78 -8.58 3.82 -5.01
N ALA A 79 -7.34 3.53 -5.37
CA ALA A 79 -6.43 2.79 -4.48
C ALA A 79 -5.06 3.46 -4.51
N PRO A 80 -4.92 4.58 -3.80
CA PRO A 80 -3.63 5.31 -3.77
C PRO A 80 -2.50 4.47 -3.21
N GLY A 81 -2.79 3.70 -2.16
CA GLY A 81 -1.80 2.86 -1.53
C GLY A 81 -1.32 1.77 -2.45
N THR A 82 -2.23 1.13 -3.18
CA THR A 82 -1.81 0.15 -4.17
C THR A 82 -0.93 0.80 -5.23
N ALA A 83 -1.25 2.02 -5.65
CA ALA A 83 -0.45 2.66 -6.67
C ALA A 83 0.98 2.89 -6.19
N VAL A 84 1.15 3.26 -4.92
CA VAL A 84 2.50 3.40 -4.37
C VAL A 84 3.19 2.05 -4.26
N LEU A 85 2.48 1.02 -3.81
CA LEU A 85 3.11 -0.28 -3.67
C LEU A 85 3.61 -0.78 -5.02
N ARG A 86 2.85 -0.55 -6.07
CA ARG A 86 3.25 -1.08 -7.38
C ARG A 86 4.43 -0.31 -7.95
N GLN A 87 4.53 0.98 -7.63
CA GLN A 87 5.70 1.76 -7.96
C GLN A 87 6.92 1.27 -7.19
N TRP A 88 6.74 0.97 -5.90
CA TRP A 88 7.84 0.54 -5.05
C TRP A 88 8.34 -0.85 -5.43
N LEU A 89 7.43 -1.78 -5.64
CA LEU A 89 7.80 -3.17 -5.78
C LEU A 89 8.49 -3.40 -7.13
N PRO A 90 9.37 -4.39 -7.22
CA PRO A 90 10.00 -4.64 -8.53
C PRO A 90 8.97 -4.92 -9.62
N THR A 91 9.31 -4.50 -10.83
CA THR A 91 8.42 -4.77 -11.94
C THR A 91 8.20 -6.27 -12.05
N GLY A 92 6.96 -6.64 -12.29
CA GLY A 92 6.59 -8.05 -12.38
C GLY A 92 6.12 -8.63 -11.08
N THR A 93 6.28 -7.91 -9.98
CA THR A 93 5.78 -8.42 -8.72
C THR A 93 4.27 -8.64 -8.84
N LEU A 94 3.80 -9.80 -8.38
CA LEU A 94 2.35 -10.03 -8.40
C LEU A 94 1.72 -9.35 -7.18
N LEU A 95 0.76 -8.45 -7.43
CA LEU A 95 0.14 -7.60 -6.41
C LEU A 95 -1.37 -7.84 -6.45
N VAL A 96 -1.91 -8.34 -5.34
CA VAL A 96 -3.36 -8.52 -5.19
C VAL A 96 -3.84 -7.55 -4.13
N ASP A 97 -4.99 -6.92 -4.36
CA ASP A 97 -5.50 -6.05 -3.28
C ASP A 97 -6.98 -6.30 -3.05
N SER A 98 -7.50 -5.74 -1.96
CA SER A 98 -8.85 -6.10 -1.52
C SER A 98 -9.39 -5.01 -0.62
N ASP A 99 -10.71 -4.94 -0.58
CA ASP A 99 -11.39 -4.01 0.34
C ASP A 99 -12.84 -4.45 0.42
N LEU A 100 -13.45 -4.11 1.55
CA LEU A 100 -14.88 -4.28 1.75
C LEU A 100 -15.70 -3.58 0.68
N ASN A 101 -15.28 -2.38 0.29
CA ASN A 101 -16.06 -1.55 -0.61
C ASN A 101 -15.40 -1.48 -1.98
N ASP A 102 -16.23 -1.25 -2.99
CA ASP A 102 -15.76 -1.36 -4.37
C ASP A 102 -14.80 -0.20 -4.67
N PHE A 103 -13.84 -0.46 -5.54
CA PHE A 103 -12.82 0.51 -5.92
C PHE A 103 -12.13 -0.04 -7.17
N VAL A 104 -11.44 0.86 -7.88
CA VAL A 104 -10.65 0.49 -9.06
C VAL A 104 -9.17 0.65 -8.74
N SER A 105 -8.35 -0.26 -9.25
CA SER A 105 -7.00 -0.44 -8.76
C SER A 105 -6.03 -0.79 -9.87
N ASP A 106 -4.76 -0.51 -9.63
CA ASP A 106 -3.65 -0.93 -10.49
C ASP A 106 -3.11 -2.30 -10.12
N ALA A 107 -3.68 -2.96 -9.13
CA ALA A 107 -3.26 -4.31 -8.77
C ALA A 107 -3.49 -5.30 -9.93
N ASP A 108 -2.73 -6.40 -9.92
CA ASP A 108 -2.98 -7.45 -10.89
C ASP A 108 -4.35 -8.08 -10.70
N SER A 109 -4.84 -8.15 -9.47
CA SER A 109 -6.18 -8.64 -9.24
C SER A 109 -6.71 -8.03 -7.97
N THR A 110 -8.02 -7.77 -7.95
CA THR A 110 -8.71 -7.12 -6.84
C THR A 110 -9.92 -7.94 -6.43
N LEU A 111 -10.12 -8.13 -5.12
CA LEU A 111 -11.29 -8.83 -4.59
C LEU A 111 -12.06 -7.87 -3.69
N ILE A 112 -13.37 -7.78 -3.91
CA ILE A 112 -14.23 -6.89 -3.16
C ILE A 112 -15.06 -7.75 -2.23
N GLY A 113 -14.93 -7.49 -0.94
CA GLY A 113 -15.69 -8.15 0.09
C GLY A 113 -14.98 -8.02 1.42
N ASP A 114 -15.66 -8.48 2.46
N ASP A 114 -15.67 -8.48 2.46
CA ASP A 114 -15.04 -8.62 3.77
CA ASP A 114 -15.05 -8.61 3.77
C ASP A 114 -13.81 -9.49 3.64
C ASP A 114 -13.81 -9.50 3.67
N CYS A 115 -12.72 -9.07 4.29
CA CYS A 115 -11.47 -9.80 4.16
C CYS A 115 -11.60 -11.22 4.67
N ALA A 116 -12.51 -11.46 5.63
CA ALA A 116 -12.72 -12.82 6.12
C ALA A 116 -13.16 -13.80 5.01
N THR A 117 -13.70 -13.29 3.91
CA THR A 117 -14.12 -14.14 2.81
C THR A 117 -12.98 -14.53 1.87
N VAL A 118 -11.78 -13.94 2.03
CA VAL A 118 -10.70 -14.08 1.05
C VAL A 118 -9.89 -15.31 1.37
N HIS A 119 -9.62 -16.14 0.33
CA HIS A 119 -8.78 -17.33 0.45
C HIS A 119 -7.75 -17.34 -0.67
N THR A 120 -6.59 -17.90 -0.40
CA THR A 120 -5.55 -17.99 -1.43
C THR A 120 -4.97 -19.38 -1.38
N ALA A 121 -4.67 -19.96 -2.55
CA ALA A 121 -4.00 -21.25 -2.59
C ALA A 121 -2.53 -21.12 -2.22
N ASN A 122 -1.94 -20.01 -2.54
CA ASN A 122 -0.51 -19.75 -2.45
C ASN A 122 -0.16 -18.96 -1.18
N LYS A 123 1.13 -18.99 -0.84
CA LYS A 123 1.68 -18.18 0.25
C LYS A 123 2.19 -16.86 -0.33
N TRP A 124 2.45 -15.88 0.56
CA TRP A 124 2.77 -14.51 0.19
C TRP A 124 4.12 -14.12 0.80
N ASP A 125 4.83 -13.24 0.11
CA ASP A 125 6.12 -12.75 0.63
C ASP A 125 5.99 -11.47 1.46
N LEU A 126 4.89 -10.73 1.27
CA LEU A 126 4.63 -9.46 1.95
C LEU A 126 3.13 -9.27 2.05
N ILE A 127 2.67 -8.88 3.24
CA ILE A 127 1.26 -8.60 3.50
C ILE A 127 1.20 -7.19 4.04
N ILE A 128 0.41 -6.33 3.37
CA ILE A 128 0.15 -4.94 3.79
C ILE A 128 -1.34 -4.82 4.14
N SER A 129 -1.66 -4.21 5.28
CA SER A 129 -3.05 -3.96 5.61
C SER A 129 -3.23 -2.52 6.07
N ASP A 130 -4.16 -1.81 5.44
CA ASP A 130 -4.65 -0.54 5.94
C ASP A 130 -6.09 -0.64 6.42
N MET A 131 -6.56 -1.84 6.68
CA MET A 131 -7.92 -1.96 7.11
C MET A 131 -8.14 -1.21 8.42
N TYR A 132 -9.31 -0.63 8.56
CA TYR A 132 -9.61 0.22 9.69
C TYR A 132 -11.11 0.52 9.72
N ASP A 133 -11.69 0.46 10.92
CA ASP A 133 -13.09 0.84 11.12
C ASP A 133 -13.13 2.10 11.98
N PRO A 134 -13.50 3.27 11.43
CA PRO A 134 -13.43 4.49 12.26
C PRO A 134 -14.40 4.50 13.40
N LYS A 135 -15.34 3.56 13.44
CA LYS A 135 -16.17 3.42 14.62
C LYS A 135 -15.39 2.95 15.85
N THR A 136 -14.17 2.44 15.69
CA THR A 136 -13.37 2.08 16.87
C THR A 136 -12.91 3.31 17.64
N LYS A 137 -12.87 4.48 17.03
CA LYS A 137 -12.37 5.67 17.72
C LYS A 137 -13.52 6.16 18.59
N ASN A 138 -13.67 5.54 19.74
CA ASN A 138 -14.73 5.93 20.67
C ASN A 138 -14.08 6.11 22.03
N VAL A 139 -13.78 7.36 22.38
CA VAL A 139 -13.05 7.67 23.58
C VAL A 139 -13.89 7.48 24.84
N THR A 140 -15.17 7.18 24.69
CA THR A 140 -16.06 7.02 25.82
C THR A 140 -16.17 5.59 26.30
N LYS A 141 -15.48 4.66 25.65
CA LYS A 141 -15.60 3.25 25.97
C LYS A 141 -14.20 2.71 26.21
N GLU A 142 -14.13 1.65 27.02
CA GLU A 142 -12.88 0.97 27.29
C GLU A 142 -12.21 0.55 25.98
N ASN A 143 -10.90 0.43 26.03
CA ASN A 143 -10.08 0.13 24.83
C ASN A 143 -9.56 -1.28 24.94
N ASP A 144 -10.37 -2.24 24.53
N ASP A 144 -10.36 -2.24 24.51
CA ASP A 144 -9.98 -3.64 24.60
CA ASP A 144 -10.02 -3.65 24.56
C ASP A 144 -9.47 -4.08 23.23
C ASP A 144 -9.44 -4.07 23.22
N SER A 145 -8.73 -5.19 23.24
CA SER A 145 -8.26 -5.79 21.98
C SER A 145 -9.45 -6.06 21.07
N LYS A 146 -9.29 -5.73 19.80
CA LYS A 146 -10.36 -5.88 18.82
C LYS A 146 -10.13 -7.17 18.04
N GLU A 147 -11.22 -7.74 17.53
CA GLU A 147 -11.17 -9.00 16.81
C GLU A 147 -11.45 -8.64 15.36
N GLY A 148 -12.59 -9.06 14.83
CA GLY A 148 -12.95 -8.73 13.45
C GLY A 148 -11.82 -9.02 12.50
N PHE A 149 -11.45 -8.04 11.67
CA PHE A 149 -10.43 -8.34 10.66
C PHE A 149 -9.07 -8.67 11.27
N PHE A 150 -8.82 -8.29 12.52
CA PHE A 150 -7.54 -8.65 13.14
C PHE A 150 -7.46 -10.15 13.37
N THR A 151 -8.59 -10.77 13.71
CA THR A 151 -8.58 -12.21 13.87
C THR A 151 -8.26 -12.87 12.54
N TYR A 152 -8.85 -12.37 11.46
CA TYR A 152 -8.55 -12.91 10.14
C TYR A 152 -7.07 -12.74 9.81
N ILE A 153 -6.53 -11.55 10.06
CA ILE A 153 -5.14 -11.27 9.71
C ILE A 153 -4.18 -12.20 10.45
N CYS A 154 -4.40 -12.39 11.74
CA CYS A 154 -3.54 -13.30 12.50
C CYS A 154 -3.54 -14.70 11.90
N GLY A 155 -4.71 -15.24 11.62
CA GLY A 155 -4.75 -16.57 11.00
C GLY A 155 -4.14 -16.57 9.61
N PHE A 156 -4.35 -15.50 8.86
CA PHE A 156 -3.82 -15.44 7.48
C PHE A 156 -2.31 -15.44 7.48
N ILE A 157 -1.70 -14.75 8.44
CA ILE A 157 -0.26 -14.75 8.56
C ILE A 157 0.25 -16.16 8.86
N GLN A 158 -0.35 -16.83 9.84
CA GLN A 158 0.11 -18.13 10.28
C GLN A 158 -0.08 -19.19 9.19
N GLN A 159 -1.07 -19.03 8.35
CA GLN A 159 -1.36 -20.01 7.31
C GLN A 159 -0.73 -19.68 5.98
N LYS A 160 -0.60 -18.40 5.61
CA LYS A 160 -0.26 -18.06 4.25
C LYS A 160 0.90 -17.08 4.09
N LEU A 161 1.62 -16.73 5.16
CA LEU A 161 2.83 -15.93 5.01
C LEU A 161 4.03 -16.86 4.90
N ALA A 162 4.76 -16.74 3.80
CA ALA A 162 5.96 -17.54 3.61
C ALA A 162 6.93 -17.26 4.76
N LEU A 163 7.63 -18.29 5.19
CA LEU A 163 8.77 -18.06 6.08
C LEU A 163 9.73 -17.11 5.38
N GLY A 164 10.30 -16.18 6.14
CA GLY A 164 11.09 -15.12 5.56
C GLY A 164 10.30 -13.91 5.13
N GLY A 165 8.98 -14.04 5.02
CA GLY A 165 8.18 -12.91 4.54
C GLY A 165 7.97 -11.86 5.64
N SER A 166 7.38 -10.73 5.27
CA SER A 166 7.17 -9.64 6.22
C SER A 166 5.77 -9.06 6.14
N VAL A 167 5.39 -8.28 7.17
CA VAL A 167 4.05 -7.70 7.19
C VAL A 167 4.15 -6.25 7.65
N ALA A 168 3.16 -5.46 7.23
CA ALA A 168 2.93 -4.12 7.78
C ALA A 168 1.42 -3.95 7.93
N ILE A 169 0.93 -3.93 9.18
CA ILE A 169 -0.50 -3.92 9.50
C ILE A 169 -0.81 -2.63 10.25
N LYS A 170 -1.73 -1.83 9.70
CA LYS A 170 -2.08 -0.57 10.34
C LYS A 170 -2.87 -0.80 11.63
N ILE A 171 -2.46 -0.07 12.66
CA ILE A 171 -3.16 -0.01 13.94
C ILE A 171 -3.34 1.46 14.29
N THR A 172 -4.12 1.69 15.34
CA THR A 172 -4.29 3.00 15.96
C THR A 172 -4.43 2.79 17.46
N GLU A 173 -4.71 3.87 18.19
CA GLU A 173 -4.97 3.71 19.62
C GLU A 173 -6.04 2.66 19.86
N HIS A 174 -7.18 2.77 19.15
CA HIS A 174 -8.31 1.88 19.38
C HIS A 174 -8.41 0.73 18.39
N SER A 175 -7.71 0.78 17.26
CA SER A 175 -7.74 -0.32 16.31
C SER A 175 -6.47 -1.14 16.47
N TRP A 176 -6.54 -2.19 17.29
CA TRP A 176 -5.39 -3.02 17.59
C TRP A 176 -5.90 -4.36 18.07
N ASN A 177 -4.97 -5.30 18.17
CA ASN A 177 -5.25 -6.69 18.58
C ASN A 177 -4.05 -7.25 19.31
N ALA A 178 -4.28 -7.87 20.48
CA ALA A 178 -3.17 -8.37 21.30
C ALA A 178 -2.48 -9.56 20.66
N ASP A 179 -3.26 -10.44 20.01
CA ASP A 179 -2.62 -11.58 19.37
C ASP A 179 -1.69 -11.16 18.24
N LEU A 180 -2.02 -10.07 17.56
CA LEU A 180 -1.16 -9.59 16.47
C LEU A 180 0.17 -9.13 17.02
N TYR A 181 0.16 -8.42 18.15
CA TYR A 181 1.41 -8.10 18.82
C TYR A 181 2.14 -9.36 19.24
N LYS A 182 1.43 -10.34 19.78
CA LYS A 182 2.07 -11.57 20.18
C LYS A 182 2.73 -12.24 18.98
N LEU A 183 2.07 -12.15 17.83
CA LEU A 183 2.62 -12.75 16.61
C LEU A 183 3.84 -12.01 16.09
N MET A 184 4.02 -10.76 16.46
CA MET A 184 5.24 -10.05 16.11
C MET A 184 6.45 -10.77 16.68
N GLY A 185 6.28 -11.51 17.79
CA GLY A 185 7.33 -12.31 18.36
C GLY A 185 7.71 -13.53 17.54
N HIS A 186 7.03 -13.78 16.42
CA HIS A 186 7.31 -14.89 15.53
C HIS A 186 8.12 -14.45 14.32
N PHE A 187 8.57 -13.20 14.31
CA PHE A 187 9.43 -12.63 13.29
C PHE A 187 10.82 -12.39 13.89
N ALA A 188 11.83 -12.35 13.01
CA ALA A 188 13.18 -12.05 13.46
C ALA A 188 13.27 -10.68 14.12
N TRP A 189 12.40 -9.76 13.72
CA TRP A 189 12.41 -8.40 14.24
C TRP A 189 11.05 -7.77 14.00
N TRP A 190 10.71 -6.76 14.82
CA TRP A 190 9.42 -6.10 14.63
C TRP A 190 9.53 -4.68 15.15
N THR A 191 8.63 -3.83 14.68
CA THR A 191 8.51 -2.51 15.26
C THR A 191 7.10 -1.98 15.03
N ALA A 192 6.83 -0.80 15.59
CA ALA A 192 5.66 0.01 15.28
C ALA A 192 6.19 1.29 14.66
N PHE A 193 5.80 1.54 13.39
CA PHE A 193 6.33 2.66 12.60
C PHE A 193 5.27 3.71 12.38
N VAL A 194 5.62 4.95 12.68
CA VAL A 194 4.75 6.12 12.54
C VAL A 194 5.27 6.96 11.40
N THR A 195 4.43 7.22 10.39
CA THR A 195 4.88 8.08 9.31
C THR A 195 4.97 9.53 9.80
N ASN A 196 5.95 10.24 9.27
CA ASN A 196 6.09 11.64 9.65
C ASN A 196 4.98 12.52 9.09
N VAL A 197 4.38 12.15 7.95
CA VAL A 197 3.28 12.96 7.46
C VAL A 197 2.02 12.81 8.31
N ASN A 198 1.86 11.68 9.01
CA ASN A 198 0.65 11.43 9.79
C ASN A 198 0.93 11.34 11.29
N ALA A 199 1.99 12.01 11.75
CA ALA A 199 2.51 11.85 13.10
C ALA A 199 1.59 12.40 14.18
N SER A 200 0.59 13.19 13.81
CA SER A 200 -0.41 13.72 14.73
C SER A 200 -1.50 12.71 15.04
N SER A 201 -1.44 11.52 14.44
CA SER A 201 -2.42 10.47 14.64
C SER A 201 -1.78 9.34 15.43
N SER A 202 -2.62 8.62 16.21
CA SER A 202 -2.14 7.45 16.91
C SER A 202 -1.91 6.25 15.98
N GLU A 203 -2.20 6.41 14.68
CA GLU A 203 -1.85 5.38 13.69
C GLU A 203 -0.38 4.98 13.78
N ALA A 204 -0.14 3.69 13.58
CA ALA A 204 1.18 3.20 13.26
C ALA A 204 1.02 1.96 12.36
N PHE A 205 2.11 1.55 11.73
CA PHE A 205 2.19 0.28 11.03
C PHE A 205 3.00 -0.68 11.89
N LEU A 206 2.34 -1.74 12.35
CA LEU A 206 3.01 -2.81 13.06
C LEU A 206 3.70 -3.65 12.01
N ILE A 207 5.02 -3.71 12.06
CA ILE A 207 5.85 -4.34 11.02
C ILE A 207 6.51 -5.55 11.63
N GLY A 208 6.27 -6.73 11.03
CA GLY A 208 6.98 -7.94 11.35
C GLY A 208 7.95 -8.23 10.24
N CYS A 209 9.24 -8.34 10.56
CA CYS A 209 10.32 -8.48 9.57
C CYS A 209 10.92 -9.89 9.62
N ASN A 210 10.73 -10.65 8.53
CA ASN A 210 11.25 -12.00 8.37
C ASN A 210 10.59 -13.03 9.27
N TYR A 211 9.49 -13.60 8.76
CA TYR A 211 8.68 -14.53 9.52
C TYR A 211 9.40 -15.85 9.75
N LEU A 212 9.35 -16.32 11.00
CA LEU A 212 9.98 -17.55 11.41
C LEU A 212 9.02 -18.70 11.63
N GLY A 213 7.71 -18.48 11.68
CA GLY A 213 6.78 -19.57 11.84
C GLY A 213 6.69 -20.13 13.24
N LYS A 214 7.38 -19.51 14.18
CA LYS A 214 7.40 -19.96 15.57
C LYS A 214 7.86 -18.80 16.42
N PRO A 215 7.58 -18.83 17.73
CA PRO A 215 7.97 -17.69 18.58
C PRO A 215 9.46 -17.64 18.81
N ARG A 216 10.03 -16.50 18.51
CA ARG A 216 11.36 -16.14 18.97
C ARG A 216 11.27 -15.52 20.36
N GLU A 217 10.15 -14.91 20.65
CA GLU A 217 9.95 -14.13 21.88
C GLU A 217 8.48 -14.24 22.22
N GLN A 218 8.18 -14.40 23.50
CA GLN A 218 6.81 -14.40 23.98
C GLN A 218 6.44 -12.97 24.33
N ILE A 219 5.46 -12.42 23.61
CA ILE A 219 5.03 -11.04 23.78
C ILE A 219 3.63 -11.05 24.33
N ASP A 220 3.40 -10.27 25.39
CA ASP A 220 2.06 -10.00 25.91
C ASP A 220 1.52 -8.80 25.12
N GLY A 221 0.55 -9.05 24.25
CA GLY A 221 0.03 -8.01 23.37
C GLY A 221 -0.69 -6.90 24.09
N TYR A 222 -1.33 -7.20 25.23
CA TYR A 222 -1.98 -6.15 25.99
C TYR A 222 -0.94 -5.16 26.52
N VAL A 223 0.10 -5.70 27.13
CA VAL A 223 1.20 -4.86 27.61
C VAL A 223 1.89 -4.16 26.46
N MET A 224 2.07 -4.86 25.34
CA MET A 224 2.86 -4.22 24.30
C MET A 224 2.11 -3.03 23.73
N HIS A 225 0.77 -3.13 23.60
CA HIS A 225 0.04 -1.98 23.08
C HIS A 225 0.12 -0.82 24.06
N ALA A 226 0.09 -1.14 25.35
CA ALA A 226 0.26 -0.11 26.37
C ALA A 226 1.62 0.54 26.25
N ASN A 227 2.65 -0.28 25.97
CA ASN A 227 3.98 0.26 25.73
C ASN A 227 3.99 1.19 24.52
N TYR A 228 3.29 0.81 23.45
CA TYR A 228 3.23 1.64 22.24
C TYR A 228 2.56 2.98 22.55
N ILE A 229 1.44 2.95 23.27
CA ILE A 229 0.73 4.19 23.59
C ILE A 229 1.59 5.07 24.49
N PHE A 230 2.25 4.47 25.46
CA PHE A 230 3.15 5.24 26.31
C PHE A 230 4.24 5.93 25.49
N TRP A 231 4.83 5.23 24.53
CA TRP A 231 5.80 5.87 23.64
C TRP A 231 5.17 7.06 22.93
N ARG A 232 4.00 6.86 22.30
CA ARG A 232 3.36 7.95 21.58
C ARG A 232 3.01 9.10 22.52
N ASN A 233 2.53 8.77 23.72
CA ASN A 233 2.10 9.81 24.65
C ASN A 233 3.24 10.68 25.12
N THR A 234 4.48 10.15 25.14
CA THR A 234 5.59 10.89 25.73
C THR A 234 6.58 11.36 24.71
N ASN A 235 6.35 11.07 23.42
CA ASN A 235 7.29 11.43 22.38
C ASN A 235 6.60 12.11 21.22
N PRO A 236 6.35 13.40 21.34
CA PRO A 236 5.76 14.14 20.23
C PRO A 236 6.64 13.99 18.99
N ILE A 237 6.01 13.72 17.86
CA ILE A 237 6.73 13.63 16.59
C ILE A 237 6.34 14.83 15.73
N GLN A 238 7.35 15.56 15.29
CA GLN A 238 7.14 16.73 14.44
C GLN A 238 6.62 16.27 13.09
N LEU A 239 5.47 16.77 12.69
CA LEU A 239 4.97 16.53 11.35
C LEU A 239 6.03 16.91 10.33
N SER A 240 6.21 16.04 9.33
CA SER A 240 7.21 16.32 8.32
C SER A 240 6.87 15.59 7.03
N SER A 241 6.97 16.32 5.92
CA SER A 241 6.92 15.75 4.58
C SER A 241 8.26 15.79 3.86
N TYR A 242 9.35 16.08 4.59
N TYR A 242 9.37 16.11 4.56
CA TYR A 242 10.67 16.26 3.98
CA TYR A 242 10.66 16.23 3.89
C TYR A 242 11.09 15.07 3.11
C TYR A 242 10.97 15.04 3.00
N SER A 243 10.84 13.83 3.55
CA SER A 243 11.32 12.67 2.80
C SER A 243 10.63 12.48 1.46
N LEU A 244 9.43 13.03 1.29
CA LEU A 244 8.70 12.88 0.03
C LEU A 244 9.43 13.53 -1.13
N PHE A 245 10.31 14.49 -0.84
CA PHE A 245 10.97 15.25 -1.89
C PHE A 245 12.21 14.59 -2.44
N ASP A 246 12.57 13.41 -1.94
CA ASP A 246 13.75 12.69 -2.39
C ASP A 246 13.35 11.27 -2.75
N MET A 247 13.04 11.06 -4.01
CA MET A 247 12.53 9.76 -4.47
C MET A 247 13.56 9.01 -5.29
N SER A 248 14.84 9.41 -5.25
CA SER A 248 15.83 8.83 -6.14
C SER A 248 16.15 7.38 -5.77
N LYS A 249 16.09 7.03 -4.49
CA LYS A 249 16.39 5.68 -4.05
C LYS A 249 15.14 4.93 -3.61
N PHE A 250 13.98 5.30 -4.18
CA PHE A 250 12.72 4.77 -3.68
C PHE A 250 12.49 3.32 -4.05
N PRO A 251 12.71 2.88 -5.29
CA PRO A 251 12.32 1.51 -5.66
C PRO A 251 12.99 0.45 -4.79
N LEU A 252 12.20 -0.57 -4.46
CA LEU A 252 12.73 -1.70 -3.72
C LEU A 252 13.68 -2.46 -4.63
N LYS A 253 14.88 -2.72 -4.13
CA LYS A 253 15.87 -3.47 -4.89
C LYS A 253 15.43 -4.91 -5.07
N LEU A 254 15.38 -5.37 -6.32
CA LEU A 254 15.08 -6.77 -6.59
C LEU A 254 16.28 -7.63 -6.20
N ARG A 255 16.26 -8.15 -4.97
CA ARG A 255 17.40 -8.88 -4.43
C ARG A 255 17.52 -10.30 -5.00
N GLY A 256 16.47 -10.83 -5.62
CA GLY A 256 16.53 -12.18 -6.15
C GLY A 256 16.68 -13.21 -5.05
N THR A 257 16.11 -12.92 -3.88
CA THR A 257 16.23 -13.79 -2.72
C THR A 257 15.80 -15.21 -3.07
N ALA A 258 16.52 -16.19 -2.52
CA ALA A 258 16.25 -17.59 -2.83
C ALA A 258 14.90 -18.04 -2.27
N VAL A 259 14.15 -18.79 -3.07
CA VAL A 259 12.90 -19.43 -2.66
C VAL A 259 13.11 -20.93 -2.65
N MET A 260 12.87 -21.57 -1.51
CA MET A 260 12.88 -23.01 -1.46
C MET A 260 11.61 -23.56 -0.84
N SER A 261 11.21 -24.71 -1.32
CA SER A 261 10.12 -25.43 -0.70
C SER A 261 10.75 -26.39 0.30
N LEU A 262 10.27 -26.37 1.53
CA LEU A 262 10.83 -27.23 2.55
C LEU A 262 9.72 -27.67 3.47
N LYS A 263 9.87 -28.88 3.99
CA LYS A 263 8.96 -29.43 4.99
C LYS A 263 9.47 -29.03 6.38
N GLU A 264 8.57 -29.05 7.36
CA GLU A 264 8.91 -28.49 8.67
C GLU A 264 10.12 -29.19 9.28
N GLY A 265 10.26 -30.50 9.10
CA GLY A 265 11.41 -31.19 9.64
C GLY A 265 12.73 -30.67 9.14
N GLN A 266 12.73 -29.97 8.01
CA GLN A 266 13.95 -29.47 7.40
C GLN A 266 14.36 -28.09 7.90
N ILE A 267 13.50 -27.38 8.63
CA ILE A 267 13.83 -26.04 9.09
C ILE A 267 14.78 -26.12 10.28
N ASN A 268 16.08 -26.23 10.01
CA ASN A 268 17.09 -26.25 11.05
C ASN A 268 17.57 -24.84 11.37
N ASP A 269 18.55 -24.75 12.29
CA ASP A 269 19.03 -23.46 12.76
C ASP A 269 19.71 -22.65 11.66
N MET A 270 20.35 -23.33 10.70
CA MET A 270 21.00 -22.63 9.60
C MET A 270 19.95 -22.00 8.68
N ILE A 271 18.85 -22.71 8.43
CA ILE A 271 17.73 -22.13 7.69
C ILE A 271 17.15 -20.95 8.45
N LEU A 272 16.87 -21.15 9.74
CA LEU A 272 16.34 -20.08 10.56
C LEU A 272 17.23 -18.86 10.54
N SER A 273 18.55 -19.06 10.51
CA SER A 273 19.45 -17.91 10.42
C SER A 273 19.30 -17.22 9.09
N LEU A 274 19.23 -17.99 8.00
CA LEU A 274 19.07 -17.37 6.69
C LEU A 274 17.75 -16.61 6.62
N LEU A 275 16.70 -17.18 7.18
CA LEU A 275 15.40 -16.54 7.16
C LEU A 275 15.44 -15.21 7.87
N SER A 276 16.12 -15.19 9.03
CA SER A 276 16.21 -14.01 9.88
C SER A 276 17.03 -12.90 9.26
N LYS A 277 17.80 -13.18 8.22
CA LYS A 277 18.67 -12.21 7.56
C LYS A 277 18.08 -11.66 6.27
N GLY A 278 16.89 -12.09 5.90
CA GLY A 278 16.35 -11.59 4.66
C GLY A 278 16.91 -12.32 3.46
N ARG A 279 17.44 -13.51 3.66
CA ARG A 279 18.21 -14.19 2.63
C ARG A 279 17.49 -15.43 2.11
N LEU A 280 16.26 -15.70 2.57
CA LEU A 280 15.56 -16.91 2.15
C LEU A 280 14.05 -16.77 2.35
N ILE A 281 13.31 -17.33 1.40
CA ILE A 281 11.85 -17.45 1.45
C ILE A 281 11.52 -18.93 1.34
N ILE A 282 10.67 -19.43 2.21
CA ILE A 282 10.26 -20.83 2.13
C ILE A 282 8.78 -20.89 1.79
N ARG A 283 8.48 -21.43 0.63
CA ARG A 283 7.11 -21.58 0.15
C ARG A 283 7.18 -22.33 -1.18
N GLU A 284 6.06 -22.90 -1.58
CA GLU A 284 5.85 -23.32 -2.96
C GLU A 284 6.03 -22.14 -3.90
N ASN A 285 6.52 -22.43 -5.11
CA ASN A 285 6.59 -21.46 -6.18
C ASN A 285 5.55 -21.73 -7.26
N ASN A 286 4.36 -22.08 -6.85
CA ASN A 286 3.29 -22.43 -7.78
C ASN A 286 2.56 -21.16 -8.22
N ARG A 287 1.43 -21.36 -8.91
CA ARG A 287 0.64 -20.26 -9.43
C ARG A 287 -0.08 -19.54 -8.29
N VAL A 288 -0.36 -18.27 -8.49
CA VAL A 288 -1.12 -17.49 -7.53
C VAL A 288 -2.58 -17.65 -7.86
N VAL A 289 -3.36 -18.14 -6.91
CA VAL A 289 -4.79 -18.36 -7.10
C VAL A 289 -5.53 -17.86 -5.88
N ILE A 290 -6.51 -17.00 -6.12
CA ILE A 290 -7.26 -16.36 -5.04
C ILE A 290 -8.75 -16.51 -5.27
N SER A 291 -9.52 -16.29 -4.20
CA SER A 291 -10.97 -16.30 -4.33
C SER A 291 -11.59 -15.54 -3.17
N SER A 292 -12.85 -15.21 -3.33
CA SER A 292 -13.64 -14.61 -2.25
C SER A 292 -14.95 -15.37 -2.10
N ASP A 293 -15.25 -15.78 -0.88
CA ASP A 293 -16.53 -16.47 -0.59
C ASP A 293 -17.67 -15.46 -0.76
N VAL A 294 -18.72 -15.88 -1.42
CA VAL A 294 -19.89 -15.06 -1.69
C VAL A 294 -21.10 -15.70 -1.04
N LEU A 295 -21.77 -14.96 -0.16
CA LEU A 295 -22.98 -15.45 0.50
C LEU A 295 -24.15 -15.30 -0.45
N VAL A 296 -24.89 -16.38 -0.67
CA VAL A 296 -26.01 -16.33 -1.59
C VAL A 296 -27.30 -16.28 -0.78
N ASN A 297 -28.17 -15.34 -1.13
CA ASN A 297 -29.41 -15.09 -0.42
C ASN A 297 -30.53 -14.75 -1.37
N ASN A 298 -31.74 -15.06 -0.93
CA ASN A 298 -32.99 -14.75 -1.61
C ASN A 298 -33.61 -13.48 -1.04
N GLU A 299 -34.46 -12.86 -1.84
CA GLU A 299 -35.26 -11.72 -1.43
C GLU A 299 -36.73 -11.90 -1.78
N ASN A 300 -37.08 -12.93 -2.55
CA ASN A 300 -38.42 -13.12 -3.11
C ASN A 300 -39.31 -13.96 -2.20
N ALA B 19 -26.33 -2.50 -32.95
CA ALA B 19 -26.50 -2.53 -31.51
C ALA B 19 -26.36 -1.11 -30.91
N PHE B 20 -26.90 -0.95 -29.70
CA PHE B 20 -26.78 0.28 -28.93
C PHE B 20 -25.67 0.13 -27.89
N ALA B 21 -24.73 1.09 -27.90
CA ALA B 21 -23.69 1.18 -26.90
C ALA B 21 -23.52 2.62 -26.46
N VAL B 22 -23.48 2.84 -25.15
CA VAL B 22 -23.20 4.17 -24.61
C VAL B 22 -21.86 4.65 -25.16
N ASP B 23 -21.81 5.91 -25.60
CA ASP B 23 -20.57 6.54 -26.03
C ASP B 23 -20.03 7.39 -24.89
N ALA B 24 -19.33 6.73 -23.96
CA ALA B 24 -18.86 7.41 -22.75
C ALA B 24 -17.86 8.51 -23.08
N ALA B 25 -16.97 8.28 -24.04
CA ALA B 25 -15.97 9.28 -24.38
C ALA B 25 -16.62 10.58 -24.85
N LYS B 26 -17.55 10.47 -25.81
CA LYS B 26 -18.25 11.65 -26.30
C LYS B 26 -18.94 12.38 -25.15
N ALA B 27 -19.52 11.63 -24.22
CA ALA B 27 -20.26 12.23 -23.11
C ALA B 27 -19.36 13.08 -22.24
N TYR B 28 -18.18 12.55 -21.86
CA TYR B 28 -17.26 13.33 -21.04
C TYR B 28 -16.76 14.55 -21.81
N LYS B 29 -16.42 14.37 -23.09
CA LYS B 29 -15.96 15.48 -23.91
C LYS B 29 -17.03 16.58 -24.01
N ASP B 30 -18.29 16.19 -24.26
CA ASP B 30 -19.35 17.18 -24.32
C ASP B 30 -19.53 17.84 -22.95
N TYR B 31 -19.53 17.04 -21.88
CA TYR B 31 -19.68 17.56 -20.52
C TYR B 31 -18.59 18.57 -20.19
N LEU B 32 -17.36 18.30 -20.62
CA LEU B 32 -16.28 19.26 -20.37
C LEU B 32 -16.54 20.56 -21.12
N ALA B 33 -16.82 20.46 -22.41
CA ALA B 33 -17.12 21.65 -23.20
C ALA B 33 -18.25 22.45 -22.56
N SER B 34 -19.26 21.77 -22.02
CA SER B 34 -20.34 22.44 -21.31
C SER B 34 -19.90 23.05 -20.00
N GLY B 35 -18.62 22.99 -19.66
CA GLY B 35 -18.13 23.54 -18.41
C GLY B 35 -18.20 22.62 -17.20
N GLY B 36 -18.38 21.32 -17.37
CA GLY B 36 -18.40 20.42 -16.23
C GLY B 36 -17.03 20.22 -15.63
N GLN B 37 -16.99 20.04 -14.30
CA GLN B 37 -15.71 19.92 -13.60
C GLN B 37 -15.04 18.59 -13.95
N PRO B 38 -13.75 18.59 -14.28
CA PRO B 38 -13.09 17.32 -14.66
C PRO B 38 -13.12 16.30 -13.54
N ILE B 39 -13.10 15.04 -13.94
CA ILE B 39 -12.99 13.94 -12.98
C ILE B 39 -11.81 14.21 -12.06
N THR B 40 -12.04 14.07 -10.76
CA THR B 40 -10.98 14.28 -9.81
C THR B 40 -10.55 12.96 -9.16
N ASN B 41 -9.67 13.09 -8.18
CA ASN B 41 -9.11 11.99 -7.42
C ASN B 41 -8.32 11.05 -8.29
N CYS B 42 -7.75 11.58 -9.36
CA CYS B 42 -6.70 10.85 -10.06
C CYS B 42 -5.48 10.78 -9.15
N VAL B 43 -4.83 9.62 -9.10
CA VAL B 43 -3.83 9.34 -8.05
C VAL B 43 -2.47 9.79 -8.59
N LYS B 44 -2.00 10.93 -8.09
CA LYS B 44 -0.71 11.45 -8.51
C LYS B 44 0.41 10.87 -7.65
N MET B 45 1.49 10.50 -8.30
CA MET B 45 2.60 9.81 -7.67
C MET B 45 3.69 10.80 -7.31
N LEU B 46 4.42 10.48 -6.24
CA LEU B 46 5.70 11.14 -5.96
C LEU B 46 6.76 10.50 -6.87
N CYS B 47 7.58 11.30 -7.51
CA CYS B 47 8.64 10.76 -8.33
C CYS B 47 9.71 11.84 -8.48
N THR B 48 10.82 11.48 -9.14
CA THR B 48 11.93 12.40 -9.28
C THR B 48 11.66 13.48 -10.31
N HIS B 49 10.77 13.21 -11.28
CA HIS B 49 10.55 14.11 -12.41
C HIS B 49 11.82 14.24 -13.25
N THR B 50 12.60 13.17 -13.28
CA THR B 50 13.76 13.03 -14.15
C THR B 50 13.64 11.80 -15.04
N GLY B 51 12.41 11.44 -15.43
CA GLY B 51 12.16 10.22 -16.15
C GLY B 51 12.19 10.46 -17.65
N THR B 52 11.83 9.42 -18.39
CA THR B 52 11.93 9.45 -19.83
C THR B 52 10.89 10.35 -20.48
N GLY B 53 9.77 10.61 -19.81
CA GLY B 53 8.71 11.37 -20.42
C GLY B 53 7.78 10.60 -21.33
N GLN B 54 7.96 9.29 -21.50
CA GLN B 54 7.01 8.52 -22.28
C GLN B 54 5.63 8.53 -21.62
N ALA B 55 4.61 8.21 -22.43
CA ALA B 55 3.23 8.46 -22.04
C ALA B 55 2.73 7.47 -20.99
N ILE B 56 2.95 6.17 -21.22
CA ILE B 56 2.37 5.12 -20.39
C ILE B 56 3.46 4.11 -20.10
N THR B 57 3.82 3.97 -18.82
CA THR B 57 5.03 3.25 -18.45
C THR B 57 4.74 2.32 -17.27
N VAL B 58 5.65 1.40 -17.03
CA VAL B 58 5.46 0.44 -15.94
C VAL B 58 5.80 1.03 -14.59
N THR B 59 6.51 2.16 -14.56
CA THR B 59 6.82 2.87 -13.34
C THR B 59 6.76 4.35 -13.69
N PRO B 60 6.60 5.22 -12.70
CA PRO B 60 6.49 6.67 -13.01
C PRO B 60 7.69 7.17 -13.79
N GLU B 61 7.41 7.90 -14.87
CA GLU B 61 8.48 8.40 -15.75
C GLU B 61 8.27 9.88 -16.08
N ALA B 62 7.58 10.62 -15.24
CA ALA B 62 7.44 12.06 -15.47
C ALA B 62 8.81 12.69 -15.65
N ASN B 63 8.91 13.60 -16.63
CA ASN B 63 10.02 14.54 -16.69
C ASN B 63 9.64 15.84 -15.97
N MET B 64 10.42 16.90 -16.18
CA MET B 64 10.20 18.16 -15.48
C MET B 64 8.91 18.84 -15.87
N ASP B 65 8.35 18.52 -17.05
CA ASP B 65 7.12 19.13 -17.50
C ASP B 65 5.88 18.26 -17.29
N GLN B 66 5.99 17.18 -16.50
CA GLN B 66 4.91 16.22 -16.38
C GLN B 66 4.63 15.85 -14.93
N GLU B 67 3.41 15.36 -14.70
CA GLU B 67 3.04 14.63 -13.50
C GLU B 67 2.79 13.18 -13.88
N SER B 68 3.13 12.26 -12.99
CA SER B 68 2.85 10.85 -13.18
C SER B 68 1.65 10.45 -12.31
N PHE B 69 0.71 9.68 -12.89
CA PHE B 69 -0.49 9.23 -12.18
C PHE B 69 -0.64 7.72 -12.27
N GLY B 70 -1.23 7.14 -11.23
CA GLY B 70 -1.67 5.76 -11.32
C GLY B 70 -2.65 5.63 -12.48
N GLY B 71 -2.45 4.61 -13.32
CA GLY B 71 -3.18 4.54 -14.58
C GLY B 71 -4.67 4.31 -14.42
N ALA B 72 -5.06 3.34 -13.59
CA ALA B 72 -6.49 3.05 -13.42
C ALA B 72 -7.28 4.30 -13.09
N SER B 73 -6.74 5.15 -12.20
CA SER B 73 -7.48 6.33 -11.74
C SER B 73 -7.63 7.39 -12.81
N CYS B 74 -6.90 7.28 -13.91
CA CYS B 74 -7.01 8.20 -15.04
C CYS B 74 -7.75 7.60 -16.23
N CYS B 75 -8.29 6.39 -16.09
CA CYS B 75 -8.99 5.71 -17.17
C CYS B 75 -10.48 5.94 -17.00
N LEU B 76 -11.09 6.57 -18.02
CA LEU B 76 -12.51 6.87 -17.97
C LEU B 76 -13.34 5.60 -17.77
N TYR B 77 -12.95 4.51 -18.43
CA TYR B 77 -13.73 3.28 -18.36
C TYR B 77 -13.61 2.64 -16.98
N CYS B 78 -12.40 2.59 -16.44
CA CYS B 78 -12.19 2.11 -15.08
C CYS B 78 -13.00 2.94 -14.08
N ARG B 79 -12.88 4.27 -14.16
CA ARG B 79 -13.44 5.13 -13.15
C ARG B 79 -14.95 5.19 -13.21
N CYS B 80 -15.54 5.02 -14.39
CA CYS B 80 -16.97 5.10 -14.54
C CYS B 80 -17.64 3.74 -14.61
N HIS B 81 -16.88 2.66 -14.42
CA HIS B 81 -17.44 1.31 -14.31
C HIS B 81 -18.17 0.94 -15.59
N ILE B 82 -17.48 1.10 -16.71
CA ILE B 82 -18.03 0.73 -18.01
C ILE B 82 -17.01 -0.11 -18.75
N ASP B 83 -17.50 -0.89 -19.71
CA ASP B 83 -16.66 -1.83 -20.44
C ASP B 83 -15.64 -1.06 -21.28
N HIS B 84 -14.50 -1.66 -21.46
CA HIS B 84 -13.48 -0.92 -22.18
C HIS B 84 -13.75 -1.02 -23.68
N PRO B 85 -13.49 0.06 -24.42
CA PRO B 85 -13.75 0.04 -25.87
C PRO B 85 -12.73 -0.83 -26.58
N ASN B 86 -12.80 -2.12 -26.36
CA ASN B 86 -11.83 -3.07 -26.89
C ASN B 86 -12.55 -4.41 -26.92
N PRO B 87 -12.54 -5.13 -28.04
CA PRO B 87 -13.12 -6.49 -28.03
C PRO B 87 -12.64 -7.31 -26.84
N LYS B 88 -11.34 -7.24 -26.54
CA LYS B 88 -10.77 -7.95 -25.41
C LYS B 88 -11.20 -7.38 -24.06
N GLY B 89 -11.72 -6.15 -24.06
CA GLY B 89 -11.99 -5.44 -22.82
C GLY B 89 -10.74 -5.08 -22.04
N PHE B 90 -9.57 -5.12 -22.68
CA PHE B 90 -8.28 -4.86 -22.02
C PHE B 90 -8.11 -3.37 -21.80
N CYS B 91 -7.56 -3.01 -20.63
CA CYS B 91 -7.35 -1.61 -20.28
C CYS B 91 -5.90 -1.20 -20.53
N ASP B 92 -5.74 -0.12 -21.29
CA ASP B 92 -4.41 0.37 -21.64
C ASP B 92 -3.66 0.93 -20.43
N LEU B 93 -4.37 1.43 -19.41
CA LEU B 93 -3.75 2.25 -18.37
C LEU B 93 -3.61 1.55 -17.03
N LYS B 94 -4.61 0.73 -16.68
CA LYS B 94 -4.63 -0.01 -15.42
C LYS B 94 -3.34 -0.77 -15.23
N GLY B 95 -2.75 -0.61 -14.05
CA GLY B 95 -1.57 -1.34 -13.70
C GLY B 95 -0.30 -0.68 -14.17
N LYS B 96 -0.41 0.44 -14.89
CA LYS B 96 0.69 1.23 -15.42
C LYS B 96 0.60 2.65 -14.84
N TYR B 97 1.49 3.53 -15.31
CA TYR B 97 1.51 4.93 -14.91
C TYR B 97 1.42 5.78 -16.16
N VAL B 98 0.61 6.83 -16.09
CA VAL B 98 0.43 7.73 -17.22
C VAL B 98 1.06 9.06 -16.85
N GLN B 99 1.89 9.56 -17.76
CA GLN B 99 2.48 10.89 -17.65
C GLN B 99 1.55 11.91 -18.33
N ILE B 100 1.23 12.96 -17.59
CA ILE B 100 0.35 14.04 -18.06
C ILE B 100 1.13 15.33 -18.03
N PRO B 101 1.17 16.11 -19.12
CA PRO B 101 1.78 17.44 -19.03
C PRO B 101 1.22 18.21 -17.85
N THR B 102 2.10 18.92 -17.14
CA THR B 102 1.66 19.64 -15.94
C THR B 102 0.58 20.63 -16.27
N THR B 103 0.63 21.23 -17.46
CA THR B 103 -0.41 22.17 -17.87
C THR B 103 -1.77 21.50 -18.03
N CYS B 104 -1.81 20.19 -18.24
CA CYS B 104 -3.08 19.48 -18.39
C CYS B 104 -3.44 18.58 -17.21
N ALA B 105 -2.68 18.64 -16.12
CA ALA B 105 -2.88 17.68 -15.03
C ALA B 105 -4.10 17.99 -14.18
N ASN B 106 -4.84 19.06 -14.48
CA ASN B 106 -6.14 19.26 -13.83
C ASN B 106 -7.19 18.31 -14.35
N ASP B 107 -6.94 17.65 -15.49
CA ASP B 107 -7.93 16.77 -16.11
C ASP B 107 -7.19 15.61 -16.77
N PRO B 108 -6.57 14.76 -15.96
CA PRO B 108 -5.86 13.62 -16.56
C PRO B 108 -6.76 12.71 -17.39
N VAL B 109 -8.01 12.53 -16.99
CA VAL B 109 -8.90 11.66 -17.75
C VAL B 109 -9.19 12.27 -19.12
N GLY B 110 -9.55 13.55 -19.15
CA GLY B 110 -9.72 14.21 -20.44
C GLY B 110 -8.49 14.11 -21.31
N PHE B 111 -7.31 14.31 -20.71
CA PHE B 111 -6.09 14.27 -21.49
C PHE B 111 -5.90 12.89 -22.14
N THR B 112 -5.95 11.82 -21.34
CA THR B 112 -5.68 10.51 -21.90
C THR B 112 -6.68 10.16 -22.98
N LEU B 113 -7.91 10.62 -22.81
CA LEU B 113 -8.97 10.36 -23.78
C LEU B 113 -8.72 11.08 -25.10
N LYS B 114 -8.39 12.38 -25.04
CA LYS B 114 -8.29 13.21 -26.24
C LYS B 114 -6.99 13.05 -27.01
N ASN B 115 -6.01 12.29 -26.51
CA ASN B 115 -4.69 12.28 -27.14
C ASN B 115 -4.28 10.85 -27.44
N THR B 116 -3.15 10.73 -28.14
CA THR B 116 -2.68 9.44 -28.62
C THR B 116 -1.17 9.33 -28.46
N VAL B 117 -0.72 8.15 -28.14
CA VAL B 117 0.69 7.84 -27.94
C VAL B 117 1.31 7.42 -29.27
N CYS B 118 2.48 7.97 -29.58
CA CYS B 118 3.21 7.53 -30.76
C CYS B 118 3.67 6.09 -30.58
N THR B 119 3.28 5.22 -31.52
CA THR B 119 3.63 3.81 -31.46
C THR B 119 5.13 3.55 -31.69
N VAL B 120 5.90 4.59 -32.03
CA VAL B 120 7.32 4.40 -32.29
C VAL B 120 8.16 4.88 -31.11
N CYS B 121 7.98 6.13 -30.68
CA CYS B 121 8.81 6.64 -29.60
C CYS B 121 8.14 6.51 -28.23
N GLY B 122 6.84 6.23 -28.19
CA GLY B 122 6.12 6.10 -26.94
C GLY B 122 5.76 7.42 -26.28
N MET B 123 6.06 8.54 -26.92
CA MET B 123 5.71 9.83 -26.36
C MET B 123 4.31 10.20 -26.82
N TRP B 124 3.71 11.17 -26.12
CA TRP B 124 2.42 11.65 -26.54
C TRP B 124 2.59 12.44 -27.83
N LYS B 125 1.74 12.17 -28.83
CA LYS B 125 1.72 12.98 -30.04
C LYS B 125 1.45 14.42 -29.66
N GLY B 126 2.37 15.32 -30.01
CA GLY B 126 2.19 16.72 -29.73
C GLY B 126 2.58 17.15 -28.33
N TYR B 127 3.06 16.23 -27.50
CA TYR B 127 3.52 16.54 -26.16
C TYR B 127 4.78 15.75 -25.84
N GLY B 128 5.64 15.63 -26.84
CA GLY B 128 6.89 14.93 -26.68
C GLY B 128 7.34 14.20 -27.93
N CYS B 129 6.39 13.75 -28.74
CA CYS B 129 6.74 13.02 -29.96
C CYS B 129 7.38 14.00 -30.94
N SER B 130 8.65 13.74 -31.29
CA SER B 130 9.42 14.54 -32.22
C SER B 130 9.69 13.78 -33.52
N CYS B 131 8.76 12.90 -33.92
CA CYS B 131 9.04 11.96 -34.98
C CYS B 131 8.78 12.55 -36.37
N ASP B 132 7.96 13.60 -36.46
CA ASP B 132 7.71 14.27 -37.72
C ASP B 132 8.69 15.42 -37.99
N GLN B 133 9.77 15.49 -37.22
CA GLN B 133 10.81 16.50 -37.43
C GLN B 133 11.80 16.02 -38.49
C1 EDO C . 9.39 -9.57 -8.76
O1 EDO C . 9.80 -10.74 -8.03
C2 EDO C . 9.63 -9.82 -10.24
O2 EDO C . 9.92 -11.20 -10.44
H11 EDO C . 9.96 -8.70 -8.41
H12 EDO C . 8.33 -9.38 -8.58
HO1 EDO C . 9.86 -10.52 -7.08
H21 EDO C . 10.47 -9.21 -10.58
H22 EDO C . 8.75 -9.52 -10.81
HO2 EDO C . 10.79 -11.30 -10.84
C1 EDO D . -11.62 -4.09 14.37
O1 EDO D . -12.24 -2.93 13.82
C2 EDO D . -11.90 -5.29 13.52
O2 EDO D . -13.01 -5.07 12.65
H11 EDO D . -10.54 -3.93 14.45
H12 EDO D . -12.00 -4.25 15.39
HO1 EDO D . -11.95 -2.14 14.31
H21 EDO D . -11.02 -5.52 12.92
H22 EDO D . -12.11 -6.16 14.16
HO2 EDO D . -13.17 -5.86 12.13
O1 MES E . 16.34 -5.67 9.68
C2 MES E . 15.85 -5.94 10.96
C3 MES E . 15.93 -4.76 11.91
N4 MES E . 17.13 -3.98 11.72
C5 MES E . 17.28 -3.45 10.37
C6 MES E . 16.53 -4.32 9.36
C7 MES E . 17.33 -2.92 12.75
C8 MES E . 17.65 -3.56 14.10
S MES E . 17.84 -2.45 15.34
O1S MES E . 19.26 -2.08 15.43
O2S MES E . 17.18 -1.14 15.06
O3S MES E . 17.31 -3.15 16.59
H21 MES E . 16.41 -6.78 11.38
H22 MES E . 14.80 -6.24 10.87
H31 MES E . 15.06 -4.12 11.77
H32 MES E . 15.91 -5.13 12.94
HN4 MES E . 17.88 -4.64 11.86
H51 MES E . 18.34 -3.43 10.12
H52 MES E . 16.89 -2.44 10.34
H61 MES E . 17.08 -4.28 8.42
H62 MES E . 15.54 -3.88 9.19
H71 MES E . 18.14 -2.26 12.44
H72 MES E . 16.42 -2.32 12.84
H81 MES E . 18.57 -4.14 14.00
H82 MES E . 16.85 -4.25 14.36
C1 EDO F . -7.95 -20.50 -3.71
O1 EDO F . -9.30 -20.16 -3.44
C2 EDO F . -7.70 -21.71 -2.83
O2 EDO F . -8.44 -21.40 -1.65
H11 EDO F . -7.28 -19.67 -3.45
H12 EDO F . -7.80 -20.73 -4.76
HO1 EDO F . -9.57 -19.41 -4.01
H21 EDO F . -8.05 -22.62 -3.30
H22 EDO F . -6.63 -21.83 -2.62
HO2 EDO F . -7.83 -21.28 -0.90
C1 EDO G . -9.23 5.90 25.47
O1 EDO G . -9.42 6.76 24.33
C2 EDO G . -10.54 5.26 25.93
O2 EDO G . -10.96 4.30 24.95
H11 EDO G . -8.80 6.47 26.30
H12 EDO G . -8.52 5.11 25.22
HO1 EDO G . -8.56 7.11 24.05
H21 EDO G . -11.31 6.03 26.04
H22 EDO G . -10.41 4.77 26.89
HO2 EDO G . -11.57 3.66 25.35
C1 EDO H . 6.43 19.99 6.98
O1 EDO H . 7.18 19.15 6.10
C2 EDO H . 4.94 19.80 6.78
O2 EDO H . 4.22 20.48 7.83
H11 EDO H . 6.70 21.04 6.79
H12 EDO H . 6.69 19.76 8.02
HO1 EDO H . 8.12 19.18 6.33
H21 EDO H . 4.64 20.19 5.81
H22 EDO H . 4.70 18.73 6.79
HO2 EDO H . 3.42 19.98 8.02
C1 EDO I . -6.23 9.66 15.42
O1 EDO I . -5.33 9.62 16.55
C2 EDO I . -6.79 8.29 15.01
O2 EDO I . -7.39 7.65 16.15
H11 EDO I . -5.71 10.09 14.56
H12 EDO I . -7.07 10.32 15.66
HO1 EDO I . -5.13 10.53 16.82
H21 EDO I . -7.54 8.42 14.23
H22 EDO I . -5.99 7.66 14.61
HO2 EDO I . -7.73 6.78 15.90
C1 EDO J . 1.90 23.85 -1.97
O1 EDO J . 2.95 23.61 -2.93
C2 EDO J . 1.71 22.58 -1.15
O2 EDO J . 2.85 22.32 -0.33
H11 EDO J . 2.18 24.68 -1.32
H12 EDO J . 0.98 24.13 -2.48
HO1 EDO J . 2.59 23.73 -3.82
H21 EDO J . 0.82 22.69 -0.51
H22 EDO J . 1.53 21.74 -1.82
HO2 EDO J . 2.67 21.54 0.22
C1 EDO K . -7.66 -18.02 4.59
O1 EDO K . -7.25 -17.93 5.97
C2 EDO K . -6.44 -18.35 3.73
O2 EDO K . -6.81 -18.82 2.42
H11 EDO K . -8.42 -18.79 4.47
H12 EDO K . -8.09 -17.07 4.27
HO1 EDO K . -8.02 -17.72 6.52
H21 EDO K . -5.83 -17.46 3.63
H22 EDO K . -5.86 -19.12 4.23
HO2 EDO K . -6.03 -19.15 1.96
C1 EDO L . -0.51 -16.12 18.78
O1 EDO L . 0.43 -17.07 18.25
C2 EDO L . -1.40 -15.52 17.68
O2 EDO L . -2.52 -16.37 17.36
H11 EDO L . -1.13 -16.61 19.52
H12 EDO L . 0.03 -15.31 19.28
HO1 EDO L . 1.04 -17.34 18.94
H21 EDO L . -0.80 -15.36 16.78
H22 EDO L . -1.77 -14.55 18.02
HO2 EDO L . -3.04 -15.96 16.66
C1 EDO M . -8.37 -17.69 8.94
O1 EDO M . -7.70 -16.43 8.80
C2 EDO M . -8.51 -18.00 10.43
O2 EDO M . -9.08 -16.90 11.15
H11 EDO M . -7.80 -18.47 8.44
H12 EDO M . -9.36 -17.65 8.47
HO1 EDO M . -7.53 -16.24 7.88
H21 EDO M . -7.53 -18.23 10.84
H22 EDO M . -9.14 -18.89 10.56
HO2 EDO M . -8.96 -17.03 12.10
C1 EDO N . 15.46 0.38 12.18
O1 EDO N . 14.51 1.41 12.46
C2 EDO N . 16.29 0.67 10.93
O2 EDO N . 15.58 1.47 9.97
H11 EDO N . 14.94 -0.57 12.04
H12 EDO N . 16.13 0.26 13.03
HO1 EDO N . 14.11 1.25 13.33
H21 EDO N . 16.59 -0.27 10.46
H22 EDO N . 17.21 1.20 11.22
HO2 EDO N . 16.12 1.57 9.17
C1 EDO O . 14.07 8.53 21.28
O1 EDO O . 14.58 7.19 21.42
C2 EDO O . 12.82 8.76 22.13
O2 EDO O . 13.03 8.77 23.54
H11 EDO O . 13.85 8.74 20.23
H12 EDO O . 14.85 9.24 21.59
HO1 EDO O . 15.06 6.95 20.62
H21 EDO O . 12.10 7.96 21.90
H22 EDO O . 12.36 9.71 21.83
HO2 EDO O . 12.19 8.94 23.99
C1 EDO P . -14.68 -10.15 -5.49
O1 EDO P . -14.49 -9.01 -6.33
C2 EDO P . -15.69 -11.12 -6.10
O2 EDO P . -16.72 -11.37 -5.13
H11 EDO P . -15.02 -9.83 -4.51
H12 EDO P . -13.72 -10.67 -5.37
HO1 EDO P . -14.73 -8.22 -5.86
H21 EDO P . -15.21 -12.05 -6.39
H22 EDO P . -16.14 -10.68 -7.01
HO2 EDO P . -17.37 -12.00 -5.49
C1 EDO Q . -2.94 -3.24 30.92
O1 EDO Q . -2.78 -2.35 29.81
C2 EDO Q . -1.83 -4.27 30.79
O2 EDO Q . -0.64 -3.53 30.56
H11 EDO Q . -3.91 -3.72 30.89
H12 EDO Q . -2.85 -2.70 31.86
HO1 EDO Q . -3.57 -1.80 29.73
H21 EDO Q . -2.03 -4.96 29.96
H22 EDO Q . -1.75 -4.86 31.71
HO2 EDO Q . -0.03 -3.65 31.29
C1 EDO R . 14.21 8.45 1.57
O1 EDO R . 14.27 9.87 1.30
C2 EDO R . 14.12 8.25 3.09
O2 EDO R . 14.91 9.27 3.71
H11 EDO R . 15.11 7.95 1.18
H12 EDO R . 13.33 8.01 1.08
HO1 EDO R . 13.79 10.06 0.48
H21 EDO R . 14.49 7.27 3.36
H22 EDO R . 13.08 8.33 3.41
HO2 EDO R . 14.74 9.27 4.66
C1 EDO S . -2.69 18.68 -1.46
O1 EDO S . -2.63 17.33 -1.00
C2 EDO S . -1.33 19.32 -1.20
O2 EDO S . -1.36 20.50 -0.39
H11 EDO S . -3.48 19.23 -0.92
H12 EDO S . -2.93 18.71 -2.52
HO1 EDO S . -2.48 16.74 -1.74
H21 EDO S . -0.88 19.58 -2.17
H22 EDO S . -0.68 18.58 -0.72
HO2 EDO S . -0.46 20.71 -0.10
O5' 5ID T . -10.80 2.14 6.56
C5' 5ID T . -9.78 1.78 5.56
C4' 5ID T . -10.40 0.78 4.60
O4' 5ID T . -10.57 -0.61 5.46
C1' 5ID T . -11.54 -1.21 4.87
N9 5ID T . -12.14 -2.21 5.75
C8 5ID T . -12.66 -1.96 6.96
C7 5ID T . -13.14 -3.16 7.49
C5 5ID T . -12.85 -4.16 6.57
C6 5ID T . -13.03 -5.55 6.43
N1 5ID T . -12.60 -6.17 5.35
C2 5ID T . -11.99 -5.50 4.34
N3 5ID T . -11.84 -4.25 4.38
C4 5ID T . -12.22 -3.53 5.50
N6 5ID T . -13.66 -6.33 7.46
C2' 5ID T . -12.59 -0.10 4.57
O2' 5ID T . -13.51 -0.35 3.58
C3' 5ID T . -11.57 1.07 4.20
O3' 5ID T . -11.53 1.20 2.71
IAE 5ID T . -14.22 -3.37 9.32
H5' 5ID T . -11.04 2.93 6.45
H5'1 5ID T . -9.45 2.69 5.00
H5'2 5ID T . -8.89 1.31 6.07
H4' 5ID T . -9.80 0.70 3.70
H1' 5ID T . -11.21 -1.65 3.98
H8 5ID T . -12.72 -1.03 7.42
H2 5ID T . -11.63 -6.03 3.51
H6N1 5ID T . -13.30 -7.30 7.67
H6N2 5ID T . -14.39 -5.93 7.99
H2' 5ID T . -13.22 0.09 5.41
HA 5ID T . -13.79 -1.13 3.67
H3' 5ID T . -11.87 1.92 4.72
HB 5ID T . -11.01 0.47 2.32
C1 EDO U . -20.19 -13.88 3.91
O1 EDO U . -19.86 -13.96 2.53
C2 EDO U . -20.01 -15.29 4.43
O2 EDO U . -19.02 -15.91 3.62
H11 EDO U . -21.21 -13.53 4.06
H12 EDO U . -19.53 -13.18 4.44
HO1 EDO U . -20.01 -13.10 2.11
H21 EDO U . -20.96 -15.83 4.36
H22 EDO U . -19.71 -15.28 5.47
HO2 EDO U . -19.14 -16.88 3.66
C1 EDO V . -7.79 2.97 28.42
O1 EDO V . -7.76 3.51 29.78
C2 EDO V . -9.05 2.08 28.19
O2 EDO V . -8.97 0.80 28.83
H11 EDO V . -6.90 2.37 28.26
H12 EDO V . -7.78 3.79 27.71
HO1 EDO V . -8.54 3.22 30.26
H21 EDO V . -9.18 1.94 27.11
H22 EDO V . -9.93 2.61 28.57
HO2 EDO V . -8.36 0.84 29.57
C1 EDO W . -1.53 19.87 -9.09
O1 EDO W . -2.56 19.96 -8.10
C2 EDO W . -1.92 18.88 -10.18
O2 EDO W . -2.39 17.68 -9.54
H11 EDO W . -0.60 19.55 -8.61
H12 EDO W . -1.36 20.85 -9.53
HO1 EDO W . -2.26 20.50 -7.36
H21 EDO W . -1.06 18.66 -10.82
H22 EDO W . -2.71 19.30 -10.81
HO2 EDO W . -2.39 16.96 -10.18
ZN ZN X . -9.34 1.21 -17.68
ZN ZN Y . 7.05 9.49 -31.98
C1 EDO Z . -4.78 6.98 -25.39
O1 EDO Z . -6.12 7.33 -25.80
C2 EDO Z . -4.78 6.18 -24.08
O2 EDO Z . -5.29 4.86 -24.28
H11 EDO Z . -4.30 6.39 -26.17
H12 EDO Z . -4.21 7.90 -25.26
HO1 EDO Z . -6.10 8.16 -26.28
H21 EDO Z . -3.77 6.12 -23.70
H22 EDO Z . -5.40 6.69 -23.35
HO2 EDO Z . -5.29 4.38 -23.44
C1 EDO AA . -8.53 7.12 -21.00
O1 EDO AA . -9.61 7.76 -20.31
C2 EDO AA . -9.05 6.08 -21.95
O2 EDO AA . -8.00 5.15 -22.23
H11 EDO AA . -7.87 6.64 -20.27
H12 EDO AA . -7.95 7.85 -21.56
HO1 EDO AA . -9.26 8.37 -19.67
H21 EDO AA . -9.40 6.55 -22.88
H22 EDO AA . -9.90 5.55 -21.51
HO2 EDO AA . -8.30 4.50 -22.88
#